data_1SE3
#
_entry.id   1SE3
#
_cell.length_a   45.300
_cell.length_b   71.000
_cell.length_c   78.400
_cell.angle_alpha   90.00
_cell.angle_beta   90.00
_cell.angle_gamma   90.00
#
_symmetry.space_group_name_H-M   'P 21 21 21'
#
loop_
_entity.id
_entity.type
_entity.pdbx_description
1 polymer 'STAPHYLOCOCCAL ENTEROTOXIN B'
2 branched 'N-acetyl-alpha-neuraminic acid-(2-3)-beta-D-galactopyranose-(1-4)-beta-D-glucopyranose'
3 water water
#
_entity_poly.entity_id   1
_entity_poly.type   'polypeptide(L)'
_entity_poly.pdbx_seq_one_letter_code
;ESQPDPKPDELHKSSKFTGLMENMKVLYDDNHVSAINVKSIDQFLYFDLIYSIKDTKLGNYDNVRVEFKNKDLADKYKDK
YVDVFGANYYYQCYFSKKTNDINSHQTDKRKTCMYGGVTEHNGNQLDKYRSITVRVFEDGKNLLSFDVQTNKKKVTAQEL
DYLTRHYLVKNKKLYEFNNSPYETGYIKFIENENSFWYDMMPAPGDKFDQSKYLMMYNDNKMVDSKDVKIEVYLTTKKK
;
_entity_poly.pdbx_strand_id   A
#
loop_
_chem_comp.id
_chem_comp.type
_chem_comp.name
_chem_comp.formula
BGC D-saccharide, beta linking beta-D-glucopyranose 'C6 H12 O6'
GAL D-saccharide, beta linking beta-D-galactopyranose 'C6 H12 O6'
SIA D-saccharide, alpha linking 'N-acetyl-alpha-neuraminic acid' 'C11 H19 N O9'
#
# COMPACT_ATOMS: atom_id res chain seq x y z
N GLU A 1 -1.15 14.42 -17.27
CA GLU A 1 -2.10 13.80 -16.30
C GLU A 1 -3.31 13.20 -17.04
N SER A 2 -3.41 11.89 -17.08
CA SER A 2 -4.57 11.26 -17.71
C SER A 2 -4.98 9.92 -17.12
N GLN A 3 -6.10 10.03 -16.42
CA GLN A 3 -6.84 8.97 -15.76
C GLN A 3 -7.89 9.96 -15.34
N PRO A 4 -9.08 9.91 -15.98
CA PRO A 4 -10.19 10.81 -15.66
C PRO A 4 -10.23 11.15 -14.17
N ASP A 5 -10.07 12.44 -13.83
CA ASP A 5 -10.09 12.87 -12.44
C ASP A 5 -11.34 12.40 -11.72
N PRO A 6 -11.34 12.45 -10.38
CA PRO A 6 -12.57 11.99 -9.74
C PRO A 6 -13.58 13.09 -9.79
N LYS A 7 -14.78 12.76 -10.25
CA LYS A 7 -15.84 13.74 -10.28
C LYS A 7 -16.30 13.70 -8.81
N PRO A 8 -16.67 14.87 -8.24
CA PRO A 8 -17.15 14.96 -6.83
C PRO A 8 -18.15 13.90 -6.31
N ASP A 9 -18.97 13.33 -7.18
CA ASP A 9 -19.90 12.29 -6.76
C ASP A 9 -19.34 10.88 -6.90
N GLU A 10 -18.16 10.76 -7.50
CA GLU A 10 -17.48 9.47 -7.69
C GLU A 10 -16.94 8.91 -6.38
N LEU A 11 -16.21 9.73 -5.63
CA LEU A 11 -15.59 9.34 -4.36
C LEU A 11 -16.51 8.80 -3.27
N HIS A 12 -15.94 7.98 -2.39
CA HIS A 12 -16.69 7.41 -1.29
C HIS A 12 -16.80 8.45 -0.22
N LYS A 13 -17.88 8.41 0.54
CA LYS A 13 -18.06 9.36 1.62
C LYS A 13 -17.80 8.61 2.88
N SER A 14 -16.97 9.15 3.76
CA SER A 14 -16.67 8.52 5.03
C SER A 14 -17.94 8.42 5.88
N SER A 15 -18.80 9.42 5.76
CA SER A 15 -20.01 9.42 6.53
C SER A 15 -20.85 8.20 6.18
N LYS A 16 -20.79 7.80 4.92
CA LYS A 16 -21.55 6.64 4.46
C LYS A 16 -20.96 5.28 4.88
N PHE A 17 -19.87 5.34 5.62
CA PHE A 17 -19.28 4.12 6.10
C PHE A 17 -19.58 4.15 7.59
N THR A 18 -20.27 3.13 8.08
CA THR A 18 -20.66 3.09 9.47
C THR A 18 -20.07 1.93 10.22
N GLY A 19 -18.81 1.62 9.96
CA GLY A 19 -18.21 0.51 10.68
C GLY A 19 -16.73 0.54 11.06
N LEU A 20 -16.42 1.04 12.24
CA LEU A 20 -15.03 1.06 12.72
C LEU A 20 -13.98 1.48 11.70
N MET A 21 -13.64 2.76 11.70
CA MET A 21 -12.66 3.28 10.79
C MET A 21 -11.26 2.78 11.18
N GLU A 22 -11.15 2.18 12.36
CA GLU A 22 -9.88 1.64 12.88
C GLU A 22 -9.30 0.57 11.96
N ASN A 23 -10.18 -0.18 11.31
CA ASN A 23 -9.76 -1.25 10.39
C ASN A 23 -9.09 -0.65 9.18
N MET A 24 -9.31 0.64 8.98
CA MET A 24 -8.70 1.37 7.88
C MET A 24 -7.43 2.06 8.40
N LYS A 25 -7.51 2.53 9.64
CA LYS A 25 -6.39 3.21 10.24
C LYS A 25 -5.17 2.33 10.28
N VAL A 26 -5.32 1.14 10.85
CA VAL A 26 -4.21 0.19 11.01
C VAL A 26 -3.28 -0.09 9.81
N LEU A 27 -3.85 -0.10 8.61
CA LEU A 27 -3.08 -0.39 7.40
C LEU A 27 -2.05 0.71 7.18
N TYR A 28 -2.34 1.88 7.73
CA TYR A 28 -1.43 2.98 7.58
C TYR A 28 -0.88 3.52 8.91
N ASP A 29 -1.04 2.78 10.00
CA ASP A 29 -0.47 3.26 11.26
C ASP A 29 1.02 2.95 11.16
N ASP A 30 1.73 2.90 12.28
CA ASP A 30 3.17 2.66 12.24
C ASP A 30 3.68 1.36 11.61
N ASN A 31 3.00 0.24 11.88
CA ASN A 31 3.41 -1.07 11.34
C ASN A 31 3.24 -1.17 9.83
N HIS A 32 4.04 -2.05 9.22
CA HIS A 32 4.02 -2.31 7.77
C HIS A 32 5.15 -3.30 7.44
N VAL A 33 5.18 -3.81 6.21
CA VAL A 33 6.22 -4.76 5.82
C VAL A 33 7.30 -4.02 5.09
N SER A 34 8.53 -4.38 5.38
CA SER A 34 9.66 -3.76 4.74
C SER A 34 10.85 -4.67 4.89
N ALA A 35 11.44 -5.03 3.76
CA ALA A 35 12.60 -5.88 3.79
C ALA A 35 13.40 -5.53 2.57
N ILE A 36 14.72 -5.62 2.67
CA ILE A 36 15.56 -5.31 1.52
C ILE A 36 16.58 -6.39 1.18
N ASN A 37 16.57 -6.78 -0.10
CA ASN A 37 17.44 -7.81 -0.64
C ASN A 37 17.02 -9.21 -0.21
N VAL A 38 15.73 -9.51 -0.39
CA VAL A 38 15.15 -10.81 -0.06
C VAL A 38 14.77 -11.53 -1.36
N LYS A 39 14.61 -12.84 -1.30
CA LYS A 39 14.26 -13.66 -2.47
C LYS A 39 13.12 -14.59 -2.07
N SER A 40 12.17 -14.80 -2.96
CA SER A 40 11.05 -15.70 -2.64
C SER A 40 11.59 -17.07 -2.23
N ILE A 41 10.97 -17.69 -1.24
CA ILE A 41 11.37 -19.03 -0.78
C ILE A 41 10.38 -20.14 -1.10
N ASP A 42 9.16 -19.76 -1.49
CA ASP A 42 8.09 -20.72 -1.79
C ASP A 42 7.03 -19.98 -2.59
N GLN A 43 5.93 -20.66 -2.89
CA GLN A 43 4.84 -20.10 -3.65
C GLN A 43 3.63 -20.85 -3.15
N PHE A 44 2.46 -20.23 -3.24
CA PHE A 44 1.22 -20.86 -2.81
C PHE A 44 0.35 -21.07 -4.03
N LEU A 45 -0.03 -19.98 -4.66
CA LEU A 45 -0.83 -20.04 -5.87
C LEU A 45 0.07 -19.54 -6.97
N TYR A 46 -0.28 -19.84 -8.21
CA TYR A 46 0.53 -19.41 -9.34
C TYR A 46 0.75 -17.88 -9.43
N PHE A 47 -0.07 -17.11 -8.71
CA PHE A 47 0.07 -15.65 -8.77
C PHE A 47 0.71 -15.02 -7.53
N ASP A 48 1.25 -15.84 -6.63
CA ASP A 48 1.92 -15.31 -5.45
C ASP A 48 3.35 -15.82 -5.20
N LEU A 49 3.97 -15.28 -4.16
CA LEU A 49 5.33 -15.60 -3.76
C LEU A 49 5.40 -15.50 -2.26
N ILE A 50 6.03 -16.46 -1.61
CA ILE A 50 6.12 -16.43 -0.18
C ILE A 50 7.52 -15.97 0.17
N TYR A 51 7.60 -14.99 1.07
CA TYR A 51 8.88 -14.45 1.51
C TYR A 51 9.09 -14.75 2.96
N SER A 52 10.35 -14.89 3.32
CA SER A 52 10.73 -15.13 4.70
C SER A 52 11.07 -13.72 5.20
N ILE A 53 10.09 -13.06 5.76
CA ILE A 53 10.27 -11.72 6.28
C ILE A 53 9.86 -11.84 7.73
N LYS A 54 10.76 -11.36 8.59
CA LYS A 54 10.61 -11.42 10.03
C LYS A 54 10.16 -10.11 10.64
N ASP A 55 9.11 -10.18 11.44
CA ASP A 55 8.63 -8.99 12.12
C ASP A 55 9.65 -8.71 13.19
N THR A 56 10.60 -7.85 12.85
CA THR A 56 11.67 -7.48 13.78
C THR A 56 11.30 -6.60 14.99
N LYS A 57 10.01 -6.50 15.32
CA LYS A 57 9.57 -5.64 16.45
C LYS A 57 8.62 -6.39 17.37
N LEU A 58 7.42 -6.67 16.88
CA LEU A 58 6.42 -7.37 17.68
C LEU A 58 6.38 -8.87 17.42
N GLY A 59 7.30 -9.34 16.58
CA GLY A 59 7.37 -10.75 16.23
C GLY A 59 6.06 -11.38 15.81
N ASN A 60 5.18 -10.57 15.20
CA ASN A 60 3.87 -11.04 14.73
C ASN A 60 3.92 -11.94 13.50
N TYR A 61 4.93 -11.75 12.66
CA TYR A 61 5.04 -12.57 11.46
C TYR A 61 6.45 -13.05 11.18
N ASP A 62 6.51 -14.25 10.60
CA ASP A 62 7.74 -14.94 10.23
C ASP A 62 7.85 -15.13 8.72
N ASN A 63 6.70 -15.22 8.04
CA ASN A 63 6.68 -15.41 6.58
C ASN A 63 5.68 -14.39 6.05
N VAL A 64 5.82 -13.99 4.77
CA VAL A 64 4.93 -13.00 4.12
C VAL A 64 4.46 -13.41 2.70
N ARG A 65 3.15 -13.36 2.45
CA ARG A 65 2.63 -13.69 1.11
C ARG A 65 2.32 -12.48 0.23
N VAL A 66 3.11 -12.28 -0.79
CA VAL A 66 2.92 -11.18 -1.69
C VAL A 66 2.05 -11.73 -2.84
N GLU A 67 0.88 -11.15 -3.04
CA GLU A 67 -0.01 -11.62 -4.08
C GLU A 67 -0.03 -10.66 -5.24
N PHE A 68 0.01 -11.20 -6.44
CA PHE A 68 0.04 -10.38 -7.66
C PHE A 68 -1.23 -10.44 -8.50
N LYS A 69 -1.25 -9.60 -9.52
CA LYS A 69 -2.35 -9.49 -10.46
C LYS A 69 -2.46 -10.74 -11.36
N ASN A 70 -1.31 -11.29 -11.72
CA ASN A 70 -1.24 -12.45 -12.60
C ASN A 70 0.07 -13.23 -12.44
N LYS A 71 0.17 -14.35 -13.14
CA LYS A 71 1.33 -15.22 -13.11
C LYS A 71 2.57 -14.49 -13.59
N ASP A 72 2.42 -13.64 -14.59
CA ASP A 72 3.53 -12.87 -15.15
C ASP A 72 4.36 -12.25 -14.04
N LEU A 73 3.75 -11.32 -13.32
CA LEU A 73 4.40 -10.61 -12.23
C LEU A 73 5.05 -11.59 -11.31
N ALA A 74 4.27 -12.58 -10.85
CA ALA A 74 4.83 -13.57 -9.95
C ALA A 74 6.09 -14.24 -10.55
N ASP A 75 6.03 -14.58 -11.82
CA ASP A 75 7.15 -15.22 -12.50
C ASP A 75 8.34 -14.32 -12.63
N LYS A 76 8.06 -13.04 -12.87
CA LYS A 76 9.09 -12.03 -13.05
C LYS A 76 10.01 -11.87 -11.86
N TYR A 77 9.47 -12.12 -10.68
CA TYR A 77 10.24 -11.96 -9.45
C TYR A 77 10.58 -13.24 -8.71
N LYS A 78 10.16 -14.39 -9.22
CA LYS A 78 10.46 -15.65 -8.57
C LYS A 78 11.98 -15.77 -8.62
N ASP A 79 12.58 -16.13 -7.50
CA ASP A 79 14.03 -16.28 -7.47
C ASP A 79 14.72 -15.03 -8.03
N LYS A 80 14.45 -13.89 -7.41
CA LYS A 80 15.05 -12.61 -7.78
C LYS A 80 15.16 -11.84 -6.50
N TYR A 81 16.33 -11.25 -6.28
CA TYR A 81 16.55 -10.47 -5.09
C TYR A 81 15.80 -9.15 -5.25
N VAL A 82 14.85 -8.92 -4.34
CA VAL A 82 14.05 -7.74 -4.43
C VAL A 82 13.96 -7.09 -3.08
N ASP A 83 13.38 -5.90 -3.08
CA ASP A 83 13.13 -5.13 -1.87
C ASP A 83 11.64 -5.21 -1.80
N VAL A 84 11.13 -5.20 -0.58
CA VAL A 84 9.70 -5.29 -0.36
C VAL A 84 9.28 -4.15 0.58
N PHE A 85 8.06 -3.64 0.38
CA PHE A 85 7.49 -2.56 1.17
C PHE A 85 6.00 -2.47 0.88
N GLY A 86 5.17 -2.69 1.88
CA GLY A 86 3.73 -2.58 1.66
C GLY A 86 2.87 -2.75 2.88
N ALA A 87 1.59 -2.44 2.74
CA ALA A 87 0.64 -2.55 3.84
C ALA A 87 0.12 -3.99 3.90
N ASN A 88 0.22 -4.62 5.06
CA ASN A 88 -0.21 -6.00 5.23
C ASN A 88 -1.50 -6.17 6.05
N TYR A 89 -2.13 -7.32 5.88
CA TYR A 89 -3.36 -7.67 6.56
C TYR A 89 -3.24 -9.07 7.13
N TYR A 90 -4.16 -9.46 7.99
CA TYR A 90 -4.12 -10.77 8.59
C TYR A 90 -5.46 -11.48 8.56
N TYR A 91 -6.47 -10.82 9.08
CA TYR A 91 -7.82 -11.40 9.22
C TYR A 91 -8.40 -12.28 8.11
N GLN A 92 -8.11 -11.93 6.86
CA GLN A 92 -8.60 -12.70 5.74
C GLN A 92 -7.41 -13.27 5.01
N CYS A 93 -6.31 -13.51 5.73
CA CYS A 93 -5.10 -14.04 5.14
C CYS A 93 -4.87 -15.50 5.43
N TYR A 94 -4.50 -16.23 4.39
CA TYR A 94 -4.21 -17.64 4.53
C TYR A 94 -3.45 -18.19 3.36
N PHE A 95 -2.54 -19.10 3.67
CA PHE A 95 -1.77 -19.71 2.63
C PHE A 95 -1.03 -20.93 3.12
N SER A 96 -0.57 -21.70 2.13
CA SER A 96 0.24 -22.91 2.24
C SER A 96 -0.24 -24.07 3.05
N LYS A 97 -0.36 -23.82 4.35
CA LYS A 97 -0.75 -24.78 5.38
C LYS A 97 0.39 -25.69 5.86
N LYS A 98 1.20 -26.21 4.92
CA LYS A 98 2.38 -27.07 5.18
C LYS A 98 2.82 -27.84 3.91
N THR A 99 4.12 -27.84 3.63
CA THR A 99 4.74 -28.52 2.45
C THR A 99 4.19 -29.93 2.15
N ASN A 100 3.09 -29.98 1.39
CA ASN A 100 2.40 -31.22 1.04
C ASN A 100 2.87 -31.94 -0.23
N ASP A 101 2.38 -33.17 -0.38
CA ASP A 101 2.66 -34.05 -1.52
C ASP A 101 1.52 -33.94 -2.53
N ILE A 102 1.17 -32.70 -2.84
CA ILE A 102 0.11 -32.34 -3.76
C ILE A 102 0.25 -30.82 -3.92
N ASN A 103 -0.06 -30.10 -2.83
CA ASN A 103 0.00 -28.63 -2.79
C ASN A 103 1.42 -28.08 -2.53
N SER A 104 1.82 -27.10 -3.37
CA SER A 104 3.12 -26.42 -3.27
C SER A 104 3.09 -25.48 -2.05
N HIS A 105 3.24 -26.07 -0.87
CA HIS A 105 3.18 -25.33 0.38
C HIS A 105 4.46 -25.26 1.19
N GLN A 106 4.45 -24.35 2.16
CA GLN A 106 5.59 -24.12 3.05
C GLN A 106 4.97 -23.29 4.16
N THR A 107 5.85 -22.80 5.03
CA THR A 107 5.53 -21.88 6.08
C THR A 107 5.16 -22.50 7.42
N ASP A 108 6.11 -22.45 8.36
CA ASP A 108 5.84 -22.95 9.70
C ASP A 108 5.77 -21.67 10.61
N LYS A 109 4.63 -21.48 11.24
CA LYS A 109 4.41 -20.35 12.15
C LYS A 109 4.27 -18.91 11.64
N ARG A 110 3.25 -18.24 12.19
CA ARG A 110 2.87 -16.84 11.96
C ARG A 110 2.86 -16.22 10.57
N LYS A 111 1.66 -16.03 10.03
CA LYS A 111 1.51 -15.50 8.68
C LYS A 111 0.92 -14.10 8.53
N THR A 112 1.26 -13.46 7.42
CA THR A 112 0.73 -12.14 7.05
C THR A 112 0.72 -12.09 5.54
N CYS A 113 -0.20 -11.33 4.98
CA CYS A 113 -0.35 -11.22 3.53
C CYS A 113 -0.28 -9.77 3.05
N MET A 114 0.02 -9.58 1.78
CA MET A 114 0.08 -8.25 1.19
C MET A 114 0.04 -8.44 -0.32
N TYR A 115 -0.23 -7.37 -1.04
CA TYR A 115 -0.31 -7.39 -2.49
C TYR A 115 0.81 -6.51 -3.00
N GLY A 116 1.42 -6.90 -4.13
CA GLY A 116 2.48 -6.11 -4.73
C GLY A 116 3.57 -5.61 -3.81
N GLY A 117 4.12 -4.45 -4.12
CA GLY A 117 5.17 -3.87 -3.30
C GLY A 117 6.54 -4.49 -3.51
N VAL A 118 6.83 -4.91 -4.74
CA VAL A 118 8.11 -5.54 -5.00
C VAL A 118 8.87 -4.85 -6.12
N THR A 119 10.16 -4.62 -5.86
CA THR A 119 11.04 -3.97 -6.82
C THR A 119 12.35 -4.73 -6.77
N GLU A 120 13.11 -4.63 -7.85
CA GLU A 120 14.39 -5.29 -7.90
C GLU A 120 15.31 -4.49 -7.00
N HIS A 121 16.13 -5.20 -6.22
CA HIS A 121 17.04 -4.52 -5.34
C HIS A 121 18.19 -4.05 -6.20
N ASN A 122 18.86 -5.03 -6.77
CA ASN A 122 20.03 -4.88 -7.64
C ASN A 122 19.91 -3.79 -8.73
N GLY A 123 20.74 -2.74 -8.64
CA GLY A 123 20.70 -1.67 -9.64
C GLY A 123 19.52 -0.71 -9.64
N ASN A 124 18.82 -0.61 -8.52
CA ASN A 124 17.67 0.27 -8.35
C ASN A 124 17.87 0.93 -7.00
N GLN A 125 19.13 1.08 -6.62
CA GLN A 125 19.48 1.66 -5.33
C GLN A 125 20.26 2.96 -5.42
N LEU A 126 20.04 3.81 -4.42
CA LEU A 126 20.72 5.08 -4.34
C LEU A 126 21.29 5.23 -2.93
N ASP A 127 22.43 5.91 -2.86
CA ASP A 127 23.02 6.25 -1.57
C ASP A 127 22.56 7.69 -1.76
N LYS A 128 21.73 8.15 -0.82
CA LYS A 128 21.12 9.49 -0.80
C LYS A 128 19.67 9.41 -1.26
N TYR A 129 18.76 9.42 -0.30
CA TYR A 129 17.35 9.35 -0.63
C TYR A 129 16.94 10.47 -1.60
N ARG A 130 15.79 10.31 -2.22
CA ARG A 130 15.29 11.29 -3.14
C ARG A 130 14.09 11.80 -2.38
N SER A 131 13.66 13.03 -2.66
CA SER A 131 12.50 13.58 -1.97
C SER A 131 11.33 13.84 -2.88
N ILE A 132 10.22 13.26 -2.52
CA ILE A 132 8.99 13.43 -3.27
C ILE A 132 8.16 14.36 -2.41
N THR A 133 7.73 15.46 -2.99
CA THR A 133 6.95 16.40 -2.22
C THR A 133 5.48 16.03 -2.31
N VAL A 134 4.80 16.14 -1.18
CA VAL A 134 3.38 15.88 -1.11
C VAL A 134 2.71 17.21 -0.82
N ARG A 135 1.75 17.59 -1.66
CA ARG A 135 1.00 18.83 -1.52
C ARG A 135 -0.46 18.52 -1.17
N VAL A 136 -0.81 18.59 0.11
CA VAL A 136 -2.18 18.30 0.50
C VAL A 136 -3.06 19.54 0.42
N PHE A 137 -4.26 19.36 -0.12
CA PHE A 137 -5.26 20.42 -0.29
C PHE A 137 -6.46 20.13 0.63
N GLU A 138 -6.97 21.17 1.26
CA GLU A 138 -8.13 21.02 2.12
C GLU A 138 -9.15 21.99 1.60
N ASP A 139 -10.23 21.42 1.08
CA ASP A 139 -11.35 22.13 0.48
C ASP A 139 -10.88 23.11 -0.57
N GLY A 140 -9.79 22.76 -1.23
CA GLY A 140 -9.24 23.59 -2.29
C GLY A 140 -7.95 24.32 -1.98
N LYS A 141 -7.66 24.47 -0.69
CA LYS A 141 -6.45 25.20 -0.29
C LYS A 141 -5.23 24.35 0.08
N ASN A 142 -4.11 24.69 -0.53
CA ASN A 142 -2.85 24.02 -0.30
C ASN A 142 -2.42 24.44 1.10
N LEU A 143 -3.05 23.87 2.11
CA LEU A 143 -2.72 24.27 3.47
C LEU A 143 -1.73 23.34 4.20
N LEU A 144 -0.76 22.80 3.44
CA LEU A 144 0.29 21.90 3.97
C LEU A 144 1.08 21.21 2.85
N SER A 145 2.37 20.99 3.12
CA SER A 145 3.28 20.32 2.20
C SER A 145 4.36 19.69 3.06
N PHE A 146 4.71 18.44 2.75
CA PHE A 146 5.75 17.67 3.46
C PHE A 146 6.57 16.80 2.51
N ASP A 147 7.67 16.24 3.01
CA ASP A 147 8.51 15.40 2.16
C ASP A 147 8.48 13.94 2.52
N VAL A 148 8.45 13.11 1.50
CA VAL A 148 8.45 11.67 1.63
C VAL A 148 9.78 11.33 0.97
N GLN A 149 10.51 10.38 1.53
CA GLN A 149 11.82 9.98 0.99
C GLN A 149 11.94 8.53 0.60
N THR A 150 12.83 8.26 -0.35
CA THR A 150 13.08 6.91 -0.83
C THR A 150 14.46 6.83 -1.53
N ASN A 151 15.11 5.67 -1.42
CA ASN A 151 16.42 5.49 -2.08
C ASN A 151 16.30 4.48 -3.22
N LYS A 152 15.16 4.51 -3.89
CA LYS A 152 14.88 3.61 -4.99
C LYS A 152 14.63 4.46 -6.20
N LYS A 153 15.20 4.09 -7.33
CA LYS A 153 14.97 4.86 -8.54
C LYS A 153 13.55 4.59 -9.00
N LYS A 154 13.15 3.34 -8.90
CA LYS A 154 11.82 2.89 -9.27
C LYS A 154 11.15 2.50 -7.95
N VAL A 155 10.12 3.24 -7.58
CA VAL A 155 9.43 3.02 -6.34
C VAL A 155 7.97 2.74 -6.63
N THR A 156 7.39 1.80 -5.87
CA THR A 156 6.01 1.44 -6.08
C THR A 156 5.06 2.46 -5.53
N ALA A 157 4.02 2.75 -6.29
CA ALA A 157 2.99 3.68 -5.84
C ALA A 157 2.50 3.27 -4.46
N GLN A 158 2.60 1.99 -4.13
CA GLN A 158 2.14 1.53 -2.83
C GLN A 158 2.98 2.09 -1.71
N GLU A 159 4.29 2.10 -1.90
CA GLU A 159 5.19 2.61 -0.87
C GLU A 159 4.97 4.10 -0.65
N LEU A 160 4.83 4.86 -1.74
CA LEU A 160 4.60 6.31 -1.67
C LEU A 160 3.26 6.58 -1.04
N ASP A 161 2.28 5.72 -1.34
CA ASP A 161 0.94 5.89 -0.80
C ASP A 161 0.96 5.69 0.69
N TYR A 162 1.55 4.59 1.13
CA TYR A 162 1.62 4.31 2.55
C TYR A 162 2.36 5.42 3.29
N LEU A 163 3.46 5.87 2.68
CA LEU A 163 4.29 6.92 3.25
C LEU A 163 3.48 8.19 3.50
N THR A 164 2.78 8.63 2.46
CA THR A 164 1.93 9.81 2.51
C THR A 164 0.83 9.62 3.56
N ARG A 165 -0.03 8.63 3.37
CA ARG A 165 -1.13 8.39 4.31
C ARG A 165 -0.70 8.23 5.75
N HIS A 166 0.50 7.70 5.95
CA HIS A 166 1.06 7.49 7.29
C HIS A 166 1.25 8.83 8.03
N TYR A 167 1.72 9.83 7.29
CA TYR A 167 1.95 11.14 7.84
C TYR A 167 0.64 11.82 8.17
N LEU A 168 -0.35 11.67 7.28
CA LEU A 168 -1.65 12.30 7.49
C LEU A 168 -2.42 11.75 8.66
N VAL A 169 -2.25 10.46 8.96
CA VAL A 169 -2.98 9.90 10.09
C VAL A 169 -2.43 10.47 11.37
N LYS A 170 -1.12 10.71 11.38
CA LYS A 170 -0.47 11.25 12.54
C LYS A 170 -0.82 12.71 12.76
N ASN A 171 -0.46 13.54 11.78
CA ASN A 171 -0.70 14.96 11.83
C ASN A 171 -2.10 15.49 11.58
N LYS A 172 -2.82 14.96 10.57
CA LYS A 172 -4.19 15.44 10.26
C LYS A 172 -5.35 14.60 10.78
N LYS A 173 -5.08 13.50 11.45
CA LYS A 173 -6.12 12.59 11.99
C LYS A 173 -7.01 12.02 10.88
N LEU A 174 -6.40 11.82 9.71
CA LEU A 174 -7.08 11.29 8.52
C LEU A 174 -8.03 10.13 8.81
N TYR A 175 -7.58 9.19 9.62
CA TYR A 175 -8.39 8.03 9.98
C TYR A 175 -8.37 7.93 11.48
N GLU A 176 -9.55 7.83 12.08
CA GLU A 176 -9.63 7.71 13.54
C GLU A 176 -10.42 6.45 13.79
N PHE A 177 -10.28 5.93 15.01
CA PHE A 177 -10.98 4.73 15.47
C PHE A 177 -12.34 4.57 14.79
N ASN A 178 -13.30 5.37 15.23
CA ASN A 178 -14.64 5.28 14.69
C ASN A 178 -14.94 6.32 13.63
N ASN A 179 -13.99 7.21 13.32
CA ASN A 179 -14.31 8.24 12.34
C ASN A 179 -13.16 8.89 11.58
N SER A 180 -13.55 9.87 10.78
CA SER A 180 -12.63 10.67 10.01
C SER A 180 -13.18 12.07 9.90
N PRO A 181 -12.34 13.09 10.15
CA PRO A 181 -12.80 14.47 10.04
C PRO A 181 -13.07 14.81 8.59
N TYR A 182 -12.77 13.88 7.69
CA TYR A 182 -12.96 14.16 6.29
C TYR A 182 -14.13 13.49 5.65
N GLU A 183 -14.64 14.10 4.59
CA GLU A 183 -15.76 13.55 3.89
C GLU A 183 -15.21 12.69 2.77
N THR A 184 -14.34 13.28 1.94
CA THR A 184 -13.71 12.54 0.84
C THR A 184 -12.20 12.82 0.87
N GLY A 185 -11.50 12.27 -0.10
CA GLY A 185 -10.07 12.49 -0.17
C GLY A 185 -9.47 11.50 -1.12
N TYR A 186 -8.47 11.93 -1.87
CA TYR A 186 -7.81 11.02 -2.79
C TYR A 186 -6.38 11.44 -3.09
N ILE A 187 -5.54 10.45 -3.34
CA ILE A 187 -4.14 10.69 -3.63
C ILE A 187 -3.91 10.53 -5.11
N LYS A 188 -3.22 11.50 -5.70
CA LYS A 188 -2.97 11.52 -7.13
C LYS A 188 -1.45 11.60 -7.38
N PHE A 189 -0.91 10.68 -8.17
CA PHE A 189 0.52 10.68 -8.46
C PHE A 189 0.64 11.26 -9.86
N ILE A 190 1.62 12.12 -10.09
CA ILE A 190 1.79 12.73 -11.41
C ILE A 190 3.22 12.51 -11.91
N GLU A 191 3.36 11.79 -13.01
CA GLU A 191 4.69 11.56 -13.57
C GLU A 191 4.95 12.52 -14.71
N ASN A 192 4.05 12.52 -15.70
CA ASN A 192 4.18 13.41 -16.86
C ASN A 192 2.78 13.53 -17.47
N GLU A 193 2.51 12.69 -18.48
CA GLU A 193 1.20 12.61 -19.14
C GLU A 193 0.41 11.73 -18.20
N ASN A 194 1.16 10.88 -17.53
CA ASN A 194 0.63 9.91 -16.60
C ASN A 194 0.18 10.57 -15.29
N SER A 195 -0.91 10.03 -14.75
CA SER A 195 -1.48 10.44 -13.50
C SER A 195 -2.60 9.46 -13.25
N PHE A 196 -2.68 8.99 -12.02
CA PHE A 196 -3.67 8.06 -11.59
C PHE A 196 -3.90 8.47 -10.15
N TRP A 197 -5.00 8.03 -9.56
CA TRP A 197 -5.32 8.38 -8.20
C TRP A 197 -5.98 7.23 -7.49
N TYR A 198 -5.93 7.24 -6.16
CA TYR A 198 -6.56 6.19 -5.37
C TYR A 198 -7.51 6.88 -4.44
N ASP A 199 -8.58 6.18 -4.07
CA ASP A 199 -9.60 6.69 -3.17
C ASP A 199 -9.18 6.32 -1.76
N MET A 200 -9.05 7.31 -0.89
CA MET A 200 -8.61 7.04 0.48
C MET A 200 -9.67 6.58 1.45
N MET A 201 -10.93 6.68 1.06
CA MET A 201 -11.99 6.31 1.96
C MET A 201 -12.64 5.01 1.58
N PRO A 202 -13.14 4.30 2.58
CA PRO A 202 -13.81 3.03 2.43
C PRO A 202 -15.17 3.13 1.76
N ALA A 203 -15.56 2.05 1.08
CA ALA A 203 -16.84 1.99 0.37
C ALA A 203 -17.95 1.94 1.39
N PRO A 204 -19.14 2.46 1.03
CA PRO A 204 -20.29 2.48 1.96
C PRO A 204 -20.53 1.13 2.59
N GLY A 205 -21.15 1.14 3.76
CA GLY A 205 -21.43 -0.11 4.40
C GLY A 205 -21.12 -0.13 5.89
N ASP A 206 -21.52 -1.21 6.53
CA ASP A 206 -21.28 -1.36 7.95
C ASP A 206 -19.92 -1.97 8.18
N LYS A 207 -19.27 -2.44 7.11
CA LYS A 207 -17.94 -3.02 7.22
C LYS A 207 -16.96 -2.71 6.09
N PHE A 208 -15.69 -2.88 6.42
CA PHE A 208 -14.58 -2.62 5.52
C PHE A 208 -13.85 -3.94 5.24
N ASP A 209 -13.35 -4.09 4.01
CA ASP A 209 -12.65 -5.29 3.62
C ASP A 209 -11.21 -4.87 3.34
N GLN A 210 -10.33 -5.19 4.28
CA GLN A 210 -8.92 -4.84 4.15
C GLN A 210 -8.41 -5.42 2.86
N SER A 211 -8.49 -6.76 2.77
CA SER A 211 -8.06 -7.55 1.61
C SER A 211 -8.53 -6.97 0.27
N LYS A 212 -9.83 -6.77 0.13
CA LYS A 212 -10.34 -6.21 -1.10
C LYS A 212 -9.83 -4.79 -1.38
N TYR A 213 -9.60 -4.00 -0.33
CA TYR A 213 -9.10 -2.64 -0.49
C TYR A 213 -7.63 -2.67 -0.94
N LEU A 214 -6.83 -3.40 -0.20
CA LEU A 214 -5.41 -3.52 -0.48
C LEU A 214 -5.14 -4.11 -1.85
N MET A 215 -6.05 -4.94 -2.33
CA MET A 215 -5.88 -5.62 -3.62
C MET A 215 -5.59 -4.73 -4.81
N MET A 216 -5.98 -3.45 -4.76
CA MET A 216 -5.71 -2.56 -5.88
C MET A 216 -4.22 -2.41 -6.09
N TYR A 217 -3.45 -2.80 -5.08
CA TYR A 217 -2.00 -2.70 -5.13
C TYR A 217 -1.35 -3.84 -5.88
N ASN A 218 -2.15 -4.85 -6.24
CA ASN A 218 -1.65 -6.05 -6.93
C ASN A 218 -1.07 -5.90 -8.33
N ASP A 219 -1.17 -4.72 -8.93
CA ASP A 219 -0.58 -4.50 -10.26
C ASP A 219 0.88 -4.15 -10.12
N ASN A 220 1.30 -3.94 -8.88
CA ASN A 220 2.67 -3.59 -8.57
C ASN A 220 3.07 -2.36 -9.35
N LYS A 221 2.19 -1.37 -9.41
CA LYS A 221 2.45 -0.16 -10.16
C LYS A 221 3.68 0.54 -9.67
N MET A 222 4.56 0.83 -10.60
CA MET A 222 5.79 1.50 -10.26
C MET A 222 5.82 2.87 -10.85
N VAL A 223 6.72 3.67 -10.31
CA VAL A 223 6.84 5.03 -10.74
C VAL A 223 8.27 5.49 -10.53
N ASP A 224 8.67 6.52 -11.25
CA ASP A 224 10.02 7.01 -11.11
C ASP A 224 10.11 8.07 -9.99
N SER A 225 10.86 7.79 -8.94
CA SER A 225 11.01 8.73 -7.82
C SER A 225 11.54 10.11 -8.23
N LYS A 226 12.24 10.19 -9.36
CA LYS A 226 12.77 11.45 -9.84
C LYS A 226 11.79 12.18 -10.74
N ASP A 227 10.56 11.70 -10.83
CA ASP A 227 9.55 12.32 -11.70
C ASP A 227 8.20 12.57 -11.04
N VAL A 228 7.84 11.76 -10.06
CA VAL A 228 6.58 11.95 -9.35
C VAL A 228 6.45 13.19 -8.46
N LYS A 229 5.19 13.49 -8.18
CA LYS A 229 4.77 14.59 -7.35
C LYS A 229 3.45 14.02 -6.88
N ILE A 230 3.19 14.12 -5.59
CA ILE A 230 1.98 13.58 -4.98
C ILE A 230 1.06 14.73 -4.50
N GLU A 231 -0.23 14.56 -4.71
CA GLU A 231 -1.19 15.58 -4.30
C GLU A 231 -2.36 14.89 -3.63
N VAL A 232 -2.81 15.42 -2.51
CA VAL A 232 -3.96 14.86 -1.83
C VAL A 232 -4.98 15.98 -1.81
N TYR A 233 -6.23 15.60 -1.98
CA TYR A 233 -7.31 16.54 -1.98
C TYR A 233 -8.26 15.96 -0.97
N LEU A 234 -8.46 16.66 0.14
CA LEU A 234 -9.35 16.19 1.19
C LEU A 234 -10.41 17.25 1.42
N THR A 235 -11.67 16.82 1.46
CA THR A 235 -12.83 17.69 1.68
C THR A 235 -13.24 17.43 3.09
N THR A 236 -13.70 18.44 3.81
CA THR A 236 -14.05 18.21 5.21
C THR A 236 -15.44 17.72 5.48
N LYS A 237 -15.52 16.87 6.51
CA LYS A 237 -16.78 16.32 7.01
C LYS A 237 -17.46 17.59 7.41
N LYS A 238 -18.69 17.78 6.93
CA LYS A 238 -19.45 18.97 7.24
C LYS A 238 -19.47 19.10 8.76
N LYS A 239 -18.46 19.86 9.22
CA LYS A 239 -18.14 20.19 10.62
C LYS A 239 -19.29 20.07 11.60
C2 BGC B . 15.63 -22.19 16.99
C3 BGC B . 15.11 -23.08 15.87
C4 BGC B . 15.39 -22.42 14.51
C5 BGC B . 16.85 -21.91 14.36
C6 BGC B . 16.96 -20.90 13.21
C1 BGC B . 17.12 -21.96 16.77
O1 BGC B . 17.65 -21.22 17.83
O2 BGC B . 15.40 -22.81 18.25
O3 BGC B . 13.70 -23.30 16.05
O4 BGC B . 15.13 -23.39 13.47
O5 BGC B . 17.31 -21.20 15.56
O6 BGC B . 16.61 -19.58 13.64
C1 GAL B . 13.78 -23.56 13.15
C2 GAL B . 13.35 -22.56 12.07
C3 GAL B . 11.85 -22.74 11.88
C4 GAL B . 11.57 -24.18 11.40
C5 GAL B . 12.18 -25.18 12.42
C6 GAL B . 12.10 -26.65 12.02
O2 GAL B . 13.69 -21.22 12.44
O3 GAL B . 11.36 -21.76 10.92
O4 GAL B . 12.10 -24.40 10.09
O5 GAL B . 13.58 -24.89 12.65
O6 GAL B . 12.77 -27.45 12.99
C1 SIA B . 9.40 -21.77 12.33
C2 SIA B . 10.01 -21.37 10.96
C3 SIA B . 9.26 -22.01 9.79
C4 SIA B . 9.48 -21.25 8.49
C5 SIA B . 10.79 -20.42 8.62
C6 SIA B . 10.59 -19.35 9.71
C7 SIA B . 11.86 -18.57 10.16
C8 SIA B . 11.45 -17.62 11.30
C9 SIA B . 12.67 -16.94 11.94
C10 SIA B . 12.41 -19.78 6.92
C11 SIA B . 12.63 -19.12 5.57
N5 SIA B . 11.14 -19.80 7.34
O1A SIA B . 8.85 -22.92 12.44
O1B SIA B . 9.53 -20.99 13.31
O4 SIA B . 9.59 -22.16 7.40
O6 SIA B . 9.93 -19.92 10.88
O7 SIA B . 12.91 -19.45 10.59
O8 SIA B . 10.57 -16.61 10.81
O9 SIA B . 12.92 -15.72 11.26
O10 SIA B . 13.37 -20.22 7.58
#